data_1NAR
#
_entry.id   1NAR
#
_cell.length_a   46.900
_cell.length_b   75.500
_cell.length_c   50.900
_cell.angle_alpha   90.00
_cell.angle_beta   120.50
_cell.angle_gamma   90.00
#
_symmetry.space_group_name_H-M   'P 1 21 1'
#
loop_
_entity.id
_entity.type
_entity.pdbx_description
1 polymer NARBONIN
2 water water
#
_entity_poly.entity_id   1
_entity_poly.type   'polypeptide(L)'
_entity_poly.pdbx_seq_one_letter_code
;PKPIFREYIGVKPNSTTLHDFPTEIINTETLEFHYILGFAIESYYESGKGTGTFEESWDVELFGPEKVKNLKRRHPEVKV
VISIGGRGVNTPFDPAEENVWVSNAKESLKLIIQKYSDDSGNLIDGIDIHYEHIRSDEPFATLMGQLITELKKDDDLNIN
VVSIAPSENNSSHYQKLYNAKKDYINWVDYQFSNQQKPVSTDDAFVEIFKSLEKDYHPHKVLPGFSTDPLDTKHNKITRD
IFIGGCTRLVQTFSLPGVFFWNANDSVIPKRDGDKPFIVELTLQQLLAAR
;
_entity_poly.pdbx_strand_id   A
#
# COMPACT_ATOMS: atom_id res chain seq x y z
N PRO A 1 11.37 14.57 -3.47
CA PRO A 1 12.34 15.22 -2.56
C PRO A 1 13.12 14.26 -1.66
N LYS A 2 12.61 14.18 -0.43
CA LYS A 2 12.60 13.57 0.74
C LYS A 2 12.45 12.02 0.84
N PRO A 3 12.90 11.16 1.77
CA PRO A 3 12.61 9.72 1.80
C PRO A 3 11.09 9.54 1.94
N ILE A 4 10.55 8.50 1.32
CA ILE A 4 9.12 8.21 1.38
C ILE A 4 8.80 7.26 2.55
N PHE A 5 7.76 7.54 3.31
CA PHE A 5 7.35 6.67 4.43
C PHE A 5 5.84 6.38 4.24
N ARG A 6 5.46 5.13 4.08
CA ARG A 6 4.03 4.84 3.87
C ARG A 6 3.50 3.82 4.87
N GLU A 7 2.31 4.09 5.36
CA GLU A 7 1.67 3.22 6.34
C GLU A 7 0.24 2.83 6.00
N TYR A 8 -0.05 1.52 5.97
CA TYR A 8 -1.39 1.03 5.72
C TYR A 8 -2.26 1.28 6.96
N ILE A 9 -3.50 1.66 6.76
CA ILE A 9 -4.48 1.89 7.85
C ILE A 9 -5.89 1.54 7.32
N GLY A 10 -6.76 1.12 8.23
CA GLY A 10 -8.12 0.78 7.93
C GLY A 10 -8.32 -0.67 7.50
N VAL A 11 -7.28 -1.39 7.21
CA VAL A 11 -7.26 -2.77 6.71
C VAL A 11 -7.64 -3.84 7.70
N LYS A 12 -7.89 -3.54 8.97
CA LYS A 12 -8.31 -4.53 9.98
C LYS A 12 -9.63 -3.99 10.53
N PRO A 13 -10.73 -4.19 9.80
CA PRO A 13 -12.04 -3.65 10.20
C PRO A 13 -12.58 -4.17 11.51
N ASN A 14 -12.05 -5.21 12.10
CA ASN A 14 -12.53 -5.69 13.41
C ASN A 14 -11.68 -5.19 14.58
N SER A 15 -10.53 -4.62 14.29
CA SER A 15 -9.64 -4.08 15.32
C SER A 15 -10.17 -2.79 15.92
N THR A 16 -9.99 -2.67 17.22
CA THR A 16 -10.35 -1.49 18.00
C THR A 16 -9.11 -0.83 18.60
N THR A 17 -7.92 -1.16 18.10
CA THR A 17 -6.71 -0.57 18.69
C THR A 17 -6.51 0.89 18.38
N LEU A 18 -7.16 1.43 17.37
CA LEU A 18 -6.97 2.86 17.04
C LEU A 18 -8.33 3.58 16.97
N HIS A 19 -8.37 4.86 17.31
CA HIS A 19 -9.74 5.44 17.16
C HIS A 19 -9.60 6.64 16.24
N ASP A 20 -8.46 6.72 15.61
CA ASP A 20 -8.21 7.84 14.68
C ASP A 20 -6.84 7.57 14.00
N PHE A 21 -6.46 8.43 13.08
CA PHE A 21 -5.14 8.25 12.42
C PHE A 21 -4.08 8.64 13.45
N PRO A 22 -3.14 7.74 13.72
CA PRO A 22 -2.08 8.06 14.70
C PRO A 22 -1.23 9.25 14.27
N THR A 23 -0.84 10.12 15.22
CA THR A 23 0.00 11.26 14.86
C THR A 23 1.42 11.00 15.28
N GLU A 24 1.69 10.01 16.09
CA GLU A 24 3.01 9.66 16.56
C GLU A 24 4.03 9.33 15.52
N ILE A 25 3.58 8.80 14.41
CA ILE A 25 4.48 8.40 13.32
C ILE A 25 4.51 9.45 12.21
N ILE A 26 3.67 10.47 12.39
CA ILE A 26 3.63 11.49 11.36
C ILE A 26 4.85 12.43 11.42
N ASN A 27 5.60 12.39 10.34
CA ASN A 27 6.76 13.29 10.26
C ASN A 27 6.78 13.81 8.82
N THR A 28 6.49 15.13 8.79
CA THR A 28 6.50 15.70 7.41
C THR A 28 7.70 16.64 7.27
N GLU A 29 8.52 16.76 8.32
CA GLU A 29 9.68 17.66 8.20
C GLU A 29 10.83 16.97 7.46
N THR A 30 11.18 15.77 7.85
CA THR A 30 12.27 15.00 7.26
C THR A 30 11.83 13.90 6.29
N LEU A 31 10.55 13.60 6.22
CA LEU A 31 10.02 12.56 5.34
C LEU A 31 8.78 13.11 4.59
N GLU A 32 8.52 12.34 3.55
CA GLU A 32 7.33 12.52 2.72
C GLU A 32 6.44 11.39 3.30
N PHE A 33 5.41 11.76 4.01
CA PHE A 33 4.55 10.81 4.70
C PHE A 33 3.23 10.48 4.00
N HIS A 34 3.00 9.18 3.80
CA HIS A 34 1.74 8.76 3.20
C HIS A 34 0.90 7.78 4.04
N TYR A 35 -0.41 8.03 4.14
CA TYR A 35 -1.31 7.07 4.79
C TYR A 35 -1.98 6.27 3.62
N ILE A 36 -1.93 4.96 3.60
CA ILE A 36 -2.60 4.19 2.55
C ILE A 36 -3.88 3.64 3.19
N LEU A 37 -4.99 4.25 2.90
CA LEU A 37 -6.30 3.89 3.45
C LEU A 37 -6.94 2.79 2.62
N GLY A 38 -7.17 1.73 3.32
CA GLY A 38 -7.88 0.74 2.65
C GLY A 38 -8.67 -0.21 3.48
N PHE A 39 -9.42 -1.11 2.79
CA PHE A 39 -9.70 -1.65 1.48
C PHE A 39 -10.98 -1.15 0.82
N ALA A 40 -10.81 -0.69 -0.44
CA ALA A 40 -12.05 -0.46 -1.25
C ALA A 40 -12.13 -1.88 -1.90
N ILE A 41 -13.22 -2.59 -1.72
CA ILE A 41 -13.40 -3.99 -2.26
C ILE A 41 -14.56 -4.09 -3.21
N GLU A 42 -14.44 -4.92 -4.22
CA GLU A 42 -15.56 -5.09 -5.17
C GLU A 42 -16.59 -6.07 -4.61
N SER A 43 -17.77 -5.94 -5.25
CA SER A 43 -18.85 -6.90 -4.90
C SER A 43 -18.61 -8.04 -5.92
N TYR A 44 -18.97 -9.22 -5.52
CA TYR A 44 -18.77 -10.44 -6.35
C TYR A 44 -20.11 -11.13 -6.64
N TYR A 45 -20.20 -11.70 -7.81
CA TYR A 45 -21.43 -12.47 -8.13
C TYR A 45 -21.34 -13.80 -7.40
N GLU A 46 -22.37 -14.66 -7.42
CA GLU A 46 -22.33 -15.96 -6.72
C GLU A 46 -21.30 -16.91 -7.26
N SER A 47 -20.89 -16.69 -8.49
CA SER A 47 -19.86 -17.48 -9.19
C SER A 47 -18.45 -17.16 -8.72
N GLY A 48 -18.27 -16.18 -7.83
CA GLY A 48 -17.02 -15.70 -7.28
C GLY A 48 -16.29 -14.71 -8.18
N LYS A 49 -16.95 -14.26 -9.23
CA LYS A 49 -16.41 -13.32 -10.21
C LYS A 49 -16.80 -11.90 -9.82
N GLY A 50 -15.84 -11.00 -10.02
CA GLY A 50 -16.00 -9.58 -9.64
C GLY A 50 -16.83 -8.73 -10.57
N THR A 51 -17.64 -7.83 -10.03
CA THR A 51 -18.47 -6.92 -10.80
C THR A 51 -17.72 -5.67 -11.24
N GLY A 52 -16.71 -5.25 -10.44
CA GLY A 52 -15.97 -4.03 -10.71
C GLY A 52 -16.63 -2.90 -9.91
N THR A 53 -17.67 -3.19 -9.16
CA THR A 53 -18.34 -2.14 -8.34
C THR A 53 -17.72 -2.11 -6.94
N PHE A 54 -16.91 -1.11 -6.67
CA PHE A 54 -16.21 -0.96 -5.38
C PHE A 54 -17.02 -0.21 -4.33
N GLU A 55 -16.80 -0.67 -3.10
CA GLU A 55 -17.35 -0.09 -1.88
C GLU A 55 -16.27 0.03 -0.79
N GLU A 56 -16.38 1.01 0.09
CA GLU A 56 -15.40 1.15 1.19
C GLU A 56 -15.55 0.03 2.19
N SER A 57 -14.52 -0.63 2.65
CA SER A 57 -14.64 -1.69 3.63
C SER A 57 -13.96 -1.34 4.94
N TRP A 58 -13.42 -0.12 5.03
CA TRP A 58 -12.76 0.32 6.28
C TRP A 58 -13.87 0.90 7.16
N ASP A 59 -13.52 1.11 8.44
CA ASP A 59 -14.55 1.70 9.36
C ASP A 59 -14.70 3.19 9.06
N VAL A 60 -15.86 3.61 8.55
CA VAL A 60 -16.00 5.06 8.25
C VAL A 60 -16.23 5.96 9.46
N GLU A 61 -16.51 5.43 10.64
CA GLU A 61 -16.67 6.26 11.85
C GLU A 61 -15.25 6.68 12.29
N LEU A 62 -14.29 5.76 12.22
CA LEU A 62 -12.92 5.98 12.62
C LEU A 62 -12.03 6.61 11.56
N PHE A 63 -12.19 6.22 10.30
CA PHE A 63 -11.33 6.71 9.21
C PHE A 63 -12.11 7.29 8.05
N GLY A 64 -13.32 7.77 8.25
CA GLY A 64 -14.16 8.30 7.19
C GLY A 64 -13.80 9.73 6.82
N PRO A 65 -14.62 10.31 5.96
CA PRO A 65 -14.42 11.66 5.45
C PRO A 65 -14.16 12.72 6.52
N GLU A 66 -14.94 12.68 7.62
CA GLU A 66 -14.69 13.75 8.65
C GLU A 66 -13.33 13.58 9.29
N LYS A 67 -12.84 12.36 9.52
CA LYS A 67 -11.52 12.10 10.11
C LYS A 67 -10.38 12.45 9.16
N VAL A 68 -10.57 12.20 7.85
CA VAL A 68 -9.59 12.56 6.82
C VAL A 68 -9.53 14.11 6.75
N LYS A 69 -10.64 14.81 6.79
CA LYS A 69 -10.69 16.29 6.79
C LYS A 69 -9.82 16.85 7.94
N ASN A 70 -10.06 16.32 9.13
CA ASN A 70 -9.34 16.72 10.36
C ASN A 70 -7.84 16.48 10.23
N LEU A 71 -7.47 15.28 9.77
CA LEU A 71 -6.06 14.97 9.58
C LEU A 71 -5.33 15.98 8.68
N LYS A 72 -5.99 16.27 7.54
CA LYS A 72 -5.49 17.16 6.51
C LYS A 72 -5.52 18.60 6.98
N ARG A 73 -6.43 18.99 7.86
CA ARG A 73 -6.43 20.37 8.39
C ARG A 73 -5.21 20.62 9.26
N ARG A 74 -4.85 19.64 10.07
CA ARG A 74 -3.73 19.61 10.97
C ARG A 74 -2.40 19.30 10.36
N HIS A 75 -2.35 18.45 9.35
CA HIS A 75 -1.12 18.02 8.65
C HIS A 75 -1.36 18.01 7.15
N PRO A 76 -1.42 19.18 6.54
CA PRO A 76 -1.68 19.29 5.11
C PRO A 76 -0.70 18.57 4.21
N GLU A 77 0.53 18.40 4.60
CA GLU A 77 1.56 17.74 3.79
C GLU A 77 1.48 16.22 3.72
N VAL A 78 0.67 15.60 4.54
CA VAL A 78 0.47 14.13 4.54
C VAL A 78 -0.31 13.78 3.27
N LYS A 79 0.05 12.73 2.56
CA LYS A 79 -0.71 12.33 1.35
C LYS A 79 -1.61 11.20 1.75
N VAL A 80 -2.83 11.14 1.27
CA VAL A 80 -3.76 10.05 1.58
C VAL A 80 -4.10 9.33 0.26
N VAL A 81 -3.85 8.04 0.18
CA VAL A 81 -4.15 7.28 -1.07
C VAL A 81 -5.11 6.15 -0.71
N ILE A 82 -5.94 5.71 -1.59
CA ILE A 82 -6.90 4.60 -1.34
C ILE A 82 -6.38 3.32 -1.96
N SER A 83 -6.45 2.23 -1.22
CA SER A 83 -5.97 0.93 -1.73
C SER A 83 -7.16 0.06 -2.11
N ILE A 84 -7.11 -0.54 -3.27
CA ILE A 84 -8.18 -1.42 -3.79
C ILE A 84 -7.75 -2.88 -3.92
N GLY A 85 -8.68 -3.79 -3.76
CA GLY A 85 -8.38 -5.23 -3.90
C GLY A 85 -8.73 -5.99 -2.65
N GLY A 86 -7.71 -6.38 -1.92
CA GLY A 86 -7.91 -7.08 -0.64
C GLY A 86 -6.92 -8.23 -0.49
N ARG A 87 -6.79 -8.71 0.73
CA ARG A 87 -5.86 -9.85 0.92
C ARG A 87 -6.53 -11.20 0.94
N GLY A 88 -7.82 -11.30 1.23
CA GLY A 88 -8.40 -12.66 1.28
C GLY A 88 -8.47 -13.41 -0.04
N VAL A 89 -8.67 -14.74 0.08
CA VAL A 89 -8.83 -15.61 -1.11
C VAL A 89 -10.22 -15.33 -1.70
N ASN A 90 -11.08 -14.74 -0.92
CA ASN A 90 -12.45 -14.31 -1.17
C ASN A 90 -12.52 -12.97 -1.91
N THR A 91 -11.41 -12.32 -2.21
CA THR A 91 -11.39 -11.07 -2.97
C THR A 91 -10.31 -11.14 -4.06
N PRO A 92 -10.45 -12.12 -4.95
CA PRO A 92 -9.49 -12.26 -6.05
C PRO A 92 -9.77 -11.26 -7.18
N PHE A 93 -8.82 -11.12 -8.08
CA PHE A 93 -9.00 -10.30 -9.27
C PHE A 93 -9.52 -11.37 -10.29
N ASP A 94 -10.75 -11.23 -10.70
CA ASP A 94 -11.31 -12.22 -11.68
C ASP A 94 -12.61 -11.61 -12.18
N PRO A 95 -12.53 -10.72 -13.15
CA PRO A 95 -13.71 -10.01 -13.66
C PRO A 95 -14.72 -10.93 -14.36
N ALA A 96 -15.99 -10.72 -14.09
CA ALA A 96 -17.06 -11.50 -14.75
C ALA A 96 -17.14 -11.05 -16.22
N GLU A 97 -17.00 -9.79 -16.54
CA GLU A 97 -17.13 -9.29 -17.92
C GLU A 97 -16.01 -8.32 -18.20
N GLU A 98 -15.05 -8.62 -18.98
CA GLU A 98 -13.89 -7.82 -19.30
C GLU A 98 -14.14 -6.49 -19.94
N ASN A 99 -15.19 -6.32 -20.70
CA ASN A 99 -15.46 -5.04 -21.33
C ASN A 99 -16.39 -4.19 -20.50
N VAL A 100 -16.88 -4.57 -19.35
CA VAL A 100 -17.76 -3.72 -18.56
C VAL A 100 -17.07 -3.49 -17.20
N TRP A 101 -16.13 -4.34 -16.81
CA TRP A 101 -15.40 -4.19 -15.53
C TRP A 101 -14.80 -2.78 -15.34
N VAL A 102 -14.06 -2.34 -16.32
CA VAL A 102 -13.43 -1.05 -16.24
C VAL A 102 -14.44 0.09 -16.05
N SER A 103 -15.57 0.07 -16.72
CA SER A 103 -16.48 1.23 -16.51
C SER A 103 -17.07 1.24 -15.12
N ASN A 104 -17.40 0.09 -14.55
CA ASN A 104 -17.94 -0.01 -13.19
C ASN A 104 -16.88 0.44 -12.16
N ALA A 105 -15.64 0.09 -12.32
CA ALA A 105 -14.52 0.36 -11.44
C ALA A 105 -14.22 1.86 -11.52
N LYS A 106 -14.19 2.46 -12.67
CA LYS A 106 -13.93 3.89 -12.76
C LYS A 106 -15.04 4.66 -12.06
N GLU A 107 -16.28 4.34 -12.35
CA GLU A 107 -17.43 5.05 -11.75
C GLU A 107 -17.61 4.91 -10.24
N SER A 108 -17.44 3.71 -9.74
CA SER A 108 -17.60 3.41 -8.31
C SER A 108 -16.42 3.98 -7.51
N LEU A 109 -15.21 3.93 -8.04
CA LEU A 109 -14.06 4.50 -7.32
C LEU A 109 -14.15 6.01 -7.29
N LYS A 110 -14.60 6.61 -8.40
CA LYS A 110 -14.74 8.08 -8.45
C LYS A 110 -15.78 8.51 -7.41
N LEU A 111 -16.87 7.75 -7.29
CA LEU A 111 -17.89 8.08 -6.28
C LEU A 111 -17.28 8.07 -4.86
N ILE A 112 -16.48 7.06 -4.55
CA ILE A 112 -15.85 6.96 -3.24
C ILE A 112 -14.91 8.14 -2.98
N ILE A 113 -14.04 8.37 -3.92
CA ILE A 113 -13.02 9.44 -3.88
C ILE A 113 -13.62 10.82 -3.67
N GLN A 114 -14.75 11.08 -4.33
CA GLN A 114 -15.48 12.35 -4.21
C GLN A 114 -16.05 12.57 -2.82
N LYS A 115 -16.24 11.58 -1.97
CA LYS A 115 -16.69 11.78 -0.59
C LYS A 115 -15.61 12.45 0.28
N TYR A 116 -14.36 12.22 -0.05
CA TYR A 116 -13.17 12.73 0.68
C TYR A 116 -12.72 14.08 0.08
N SER A 117 -13.54 15.05 0.39
CA SER A 117 -13.36 16.46 -0.03
C SER A 117 -13.62 17.48 1.08
N ASP A 118 -13.02 18.63 0.94
CA ASP A 118 -13.19 19.73 1.90
C ASP A 118 -13.51 20.94 1.00
N ASP A 119 -13.66 22.07 1.63
CA ASP A 119 -13.96 23.39 1.04
C ASP A 119 -12.92 23.74 -0.03
N SER A 120 -11.70 23.30 0.23
CA SER A 120 -10.62 23.57 -0.72
C SER A 120 -10.30 22.43 -1.69
N GLY A 121 -11.16 21.46 -1.93
CA GLY A 121 -10.81 20.45 -2.91
C GLY A 121 -10.78 19.03 -2.37
N ASN A 122 -10.36 18.16 -3.26
CA ASN A 122 -10.28 16.71 -2.97
C ASN A 122 -9.10 16.42 -2.05
N LEU A 123 -9.28 15.51 -1.13
CA LEU A 123 -8.26 15.15 -0.16
C LEU A 123 -7.49 13.87 -0.54
N ILE A 124 -7.84 13.19 -1.59
CA ILE A 124 -7.17 11.97 -1.99
C ILE A 124 -6.09 12.26 -3.02
N ASP A 125 -4.88 11.80 -2.84
CA ASP A 125 -3.75 12.06 -3.74
C ASP A 125 -3.38 10.87 -4.63
N GLY A 126 -4.05 9.74 -4.53
CA GLY A 126 -3.64 8.63 -5.41
C GLY A 126 -4.42 7.34 -5.09
N ILE A 127 -3.94 6.30 -5.75
CA ILE A 127 -4.49 4.95 -5.61
C ILE A 127 -3.40 3.88 -5.51
N ASP A 128 -3.66 2.85 -4.77
CA ASP A 128 -2.74 1.72 -4.53
C ASP A 128 -3.45 0.43 -4.99
N ILE A 129 -2.77 -0.37 -5.77
CA ILE A 129 -3.35 -1.61 -6.28
C ILE A 129 -2.80 -2.76 -5.41
N HIS A 130 -3.72 -3.35 -4.67
CA HIS A 130 -3.35 -4.41 -3.74
C HIS A 130 -4.29 -5.59 -3.75
N TYR A 131 -4.22 -6.31 -4.87
CA TYR A 131 -4.95 -7.58 -5.04
C TYR A 131 -3.89 -8.66 -4.71
N GLU A 132 -4.07 -9.49 -3.74
CA GLU A 132 -3.12 -10.55 -3.42
C GLU A 132 -3.26 -11.75 -4.35
N HIS A 133 -4.48 -12.15 -4.64
CA HIS A 133 -4.86 -13.30 -5.48
C HIS A 133 -5.29 -12.97 -6.89
N ILE A 134 -4.41 -13.20 -7.83
CA ILE A 134 -4.53 -12.99 -9.27
C ILE A 134 -4.03 -14.30 -9.90
N ARG A 135 -4.81 -14.94 -10.69
CA ARG A 135 -4.46 -16.25 -11.31
C ARG A 135 -3.64 -16.24 -12.59
N SER A 136 -3.65 -15.14 -13.33
CA SER A 136 -2.92 -15.03 -14.62
C SER A 136 -2.55 -13.57 -14.89
N ASP A 137 -1.59 -13.41 -15.78
CA ASP A 137 -1.08 -12.12 -16.21
C ASP A 137 -2.13 -11.19 -16.84
N GLU A 138 -3.02 -11.87 -17.57
CA GLU A 138 -4.10 -11.28 -18.31
C GLU A 138 -5.46 -11.85 -18.00
N PRO A 139 -6.42 -10.93 -18.09
CA PRO A 139 -6.76 -9.51 -18.35
C PRO A 139 -6.31 -8.53 -17.29
N PHE A 140 -5.62 -9.01 -16.25
CA PHE A 140 -5.10 -8.13 -15.19
C PHE A 140 -4.32 -6.95 -15.72
N ALA A 141 -3.23 -7.17 -16.45
CA ALA A 141 -2.40 -6.06 -16.95
C ALA A 141 -3.16 -5.13 -17.86
N THR A 142 -4.00 -5.62 -18.74
CA THR A 142 -4.81 -4.76 -19.63
C THR A 142 -5.88 -3.96 -18.88
N LEU A 143 -6.73 -4.60 -18.12
CA LEU A 143 -7.81 -3.94 -17.37
C LEU A 143 -7.24 -2.99 -16.28
N MET A 144 -6.26 -3.45 -15.51
CA MET A 144 -5.68 -2.55 -14.46
C MET A 144 -5.00 -1.37 -15.12
N GLY A 145 -4.35 -1.57 -16.26
CA GLY A 145 -3.68 -0.56 -17.04
C GLY A 145 -4.69 0.51 -17.51
N GLN A 146 -5.82 0.06 -18.02
CA GLN A 146 -6.89 0.97 -18.49
C GLN A 146 -7.50 1.78 -17.35
N LEU A 147 -7.70 1.14 -16.17
CA LEU A 147 -8.26 1.79 -15.00
C LEU A 147 -7.33 2.93 -14.56
N ILE A 148 -6.03 2.66 -14.43
CA ILE A 148 -5.02 3.65 -14.04
C ILE A 148 -5.10 4.79 -15.04
N THR A 149 -5.06 4.55 -16.33
CA THR A 149 -5.11 5.56 -17.39
C THR A 149 -6.37 6.41 -17.26
N GLU A 150 -7.53 5.84 -17.15
CA GLU A 150 -8.79 6.57 -16.98
C GLU A 150 -8.78 7.45 -15.73
N LEU A 151 -8.33 6.97 -14.58
CA LEU A 151 -8.30 7.78 -13.34
C LEU A 151 -7.29 8.95 -13.41
N LYS A 152 -6.15 8.71 -14.02
CA LYS A 152 -5.11 9.73 -14.15
C LYS A 152 -5.59 10.81 -15.11
N LYS A 153 -6.36 10.48 -16.11
CA LYS A 153 -6.89 11.43 -17.09
C LYS A 153 -8.13 12.17 -16.61
N ASP A 154 -8.77 11.75 -15.54
CA ASP A 154 -9.98 12.47 -15.08
C ASP A 154 -9.54 13.78 -14.41
N ASP A 155 -9.92 14.91 -14.99
CA ASP A 155 -9.60 16.25 -14.46
C ASP A 155 -10.35 16.59 -13.17
N ASP A 156 -11.38 15.84 -12.80
CA ASP A 156 -12.12 16.05 -11.56
C ASP A 156 -11.39 15.50 -10.31
N LEU A 157 -10.42 14.66 -10.56
CA LEU A 157 -9.62 13.96 -9.57
C LEU A 157 -8.16 14.42 -9.56
N ASN A 158 -7.49 14.10 -8.46
CA ASN A 158 -6.07 14.42 -8.29
C ASN A 158 -5.31 13.10 -8.08
N ILE A 159 -5.34 12.22 -9.03
CA ILE A 159 -4.67 10.91 -8.86
C ILE A 159 -3.26 11.09 -9.34
N ASN A 160 -2.46 11.57 -8.40
CA ASN A 160 -1.07 11.91 -8.63
C ASN A 160 -0.10 10.81 -8.24
N VAL A 161 -0.40 10.01 -7.27
CA VAL A 161 0.59 8.99 -6.84
C VAL A 161 -0.03 7.63 -7.07
N VAL A 162 0.58 6.80 -7.91
CA VAL A 162 0.04 5.47 -8.19
C VAL A 162 1.03 4.41 -7.68
N SER A 163 0.53 3.40 -7.01
CA SER A 163 1.46 2.35 -6.51
C SER A 163 0.84 0.99 -6.69
N ILE A 164 1.71 -0.01 -6.68
CA ILE A 164 1.32 -1.44 -6.77
C ILE A 164 1.94 -2.15 -5.58
N ALA A 165 1.32 -3.24 -5.16
CA ALA A 165 1.82 -3.94 -3.96
C ALA A 165 2.09 -5.40 -4.15
N PRO A 166 3.10 -5.79 -4.93
CA PRO A 166 3.39 -7.21 -5.15
C PRO A 166 3.98 -7.97 -3.97
N SER A 167 3.96 -9.27 -4.04
CA SER A 167 4.50 -10.26 -3.11
C SER A 167 5.23 -11.24 -4.04
N GLU A 168 6.04 -12.09 -3.42
CA GLU A 168 6.77 -13.04 -4.26
C GLU A 168 5.82 -13.83 -5.14
N ASN A 169 4.73 -14.35 -4.60
CA ASN A 169 3.82 -15.21 -5.41
C ASN A 169 2.98 -14.54 -6.47
N ASN A 170 2.82 -13.24 -6.50
CA ASN A 170 2.03 -12.61 -7.56
C ASN A 170 2.94 -11.65 -8.33
N SER A 171 4.22 -11.53 -8.04
CA SER A 171 5.10 -10.59 -8.72
C SER A 171 5.09 -10.61 -10.23
N SER A 172 5.00 -11.79 -10.84
CA SER A 172 5.00 -11.90 -12.31
C SER A 172 3.82 -11.17 -12.91
N HIS A 173 2.64 -11.19 -12.33
CA HIS A 173 1.47 -10.47 -12.82
C HIS A 173 1.65 -8.98 -12.64
N TYR A 174 2.25 -8.52 -11.54
CA TYR A 174 2.50 -7.10 -11.34
C TYR A 174 3.57 -6.58 -12.27
N GLN A 175 4.52 -7.41 -12.65
CA GLN A 175 5.63 -7.03 -13.57
C GLN A 175 5.04 -6.74 -14.95
N LYS A 176 4.11 -7.53 -15.34
CA LYS A 176 3.41 -7.38 -16.66
C LYS A 176 2.78 -5.99 -16.70
N LEU A 177 2.07 -5.66 -15.62
CA LEU A 177 1.41 -4.35 -15.47
C LEU A 177 2.44 -3.22 -15.44
N TYR A 178 3.46 -3.40 -14.61
CA TYR A 178 4.46 -2.35 -14.46
C TYR A 178 5.10 -2.13 -15.83
N ASN A 179 5.46 -3.17 -16.55
CA ASN A 179 6.13 -2.91 -17.86
C ASN A 179 5.30 -2.11 -18.84
N ALA A 180 4.02 -2.38 -18.88
CA ALA A 180 3.08 -1.69 -19.76
C ALA A 180 2.82 -0.26 -19.34
N LYS A 181 2.73 0.05 -18.05
CA LYS A 181 2.39 1.35 -17.52
C LYS A 181 3.45 2.02 -16.65
N LYS A 182 4.70 1.77 -16.90
CA LYS A 182 5.86 2.25 -16.16
C LYS A 182 5.83 3.75 -15.91
N ASP A 183 5.34 4.46 -16.91
CA ASP A 183 5.29 5.92 -16.71
C ASP A 183 4.18 6.33 -15.76
N TYR A 184 3.16 5.59 -15.45
CA TYR A 184 2.12 6.07 -14.52
C TYR A 184 2.26 5.50 -13.10
N ILE A 185 3.14 4.52 -12.93
CA ILE A 185 3.32 3.89 -11.62
C ILE A 185 4.53 4.49 -10.91
N ASN A 186 4.30 5.21 -9.84
CA ASN A 186 5.42 5.82 -9.10
C ASN A 186 6.18 4.85 -8.19
N TRP A 187 5.42 4.02 -7.48
CA TRP A 187 5.96 3.18 -6.44
C TRP A 187 5.67 1.70 -6.51
N VAL A 188 6.69 0.85 -6.30
CA VAL A 188 6.41 -0.60 -6.25
C VAL A 188 6.61 -0.99 -4.77
N ASP A 189 5.58 -1.30 -4.04
CA ASP A 189 5.72 -1.60 -2.62
C ASP A 189 5.83 -3.12 -2.47
N TYR A 190 7.06 -3.61 -2.34
CA TYR A 190 7.23 -5.09 -2.21
C TYR A 190 7.25 -5.56 -0.76
N GLN A 191 6.33 -6.46 -0.40
CA GLN A 191 6.21 -6.96 0.96
C GLN A 191 7.18 -8.07 1.31
N PHE A 192 8.27 -7.81 2.03
CA PHE A 192 9.23 -8.85 2.42
C PHE A 192 8.65 -9.90 3.36
N SER A 193 7.63 -9.60 4.15
CA SER A 193 7.04 -10.57 5.08
C SER A 193 6.32 -11.68 4.30
N ASN A 194 6.08 -11.56 3.01
CA ASN A 194 5.38 -12.60 2.22
C ASN A 194 6.32 -13.49 1.41
N GLN A 195 7.62 -13.46 1.61
CA GLN A 195 8.57 -14.28 0.86
C GLN A 195 8.22 -15.75 1.07
N GLN A 196 8.62 -16.55 0.10
CA GLN A 196 8.34 -18.02 0.23
C GLN A 196 9.28 -18.68 1.24
N LYS A 197 10.56 -18.44 1.07
CA LYS A 197 11.57 -18.98 1.99
C LYS A 197 12.05 -17.81 2.85
N PRO A 198 12.46 -18.06 4.07
CA PRO A 198 12.94 -17.03 4.99
C PRO A 198 14.14 -16.29 4.44
N VAL A 199 14.22 -15.02 4.83
CA VAL A 199 15.31 -14.08 4.50
C VAL A 199 16.14 -14.14 5.81
N SER A 200 17.26 -14.85 5.68
CA SER A 200 18.09 -15.09 6.84
C SER A 200 19.20 -14.15 7.23
N THR A 201 19.65 -13.36 6.29
CA THR A 201 20.74 -12.44 6.62
C THR A 201 20.46 -11.09 5.98
N ASP A 202 21.25 -10.12 6.41
CA ASP A 202 21.11 -8.77 5.82
C ASP A 202 21.66 -8.83 4.39
N ASP A 203 22.61 -9.72 4.14
CA ASP A 203 23.14 -9.85 2.78
C ASP A 203 22.04 -10.50 1.90
N ALA A 204 21.26 -11.46 2.37
CA ALA A 204 20.20 -12.10 1.58
C ALA A 204 19.14 -11.04 1.26
N PHE A 205 18.95 -10.11 2.18
CA PHE A 205 17.95 -9.04 1.99
C PHE A 205 18.34 -8.15 0.82
N VAL A 206 19.60 -7.72 0.87
CA VAL A 206 20.20 -6.80 -0.10
C VAL A 206 20.14 -7.37 -1.51
N GLU A 207 20.48 -8.63 -1.57
CA GLU A 207 20.48 -9.40 -2.83
C GLU A 207 19.05 -9.48 -3.34
N ILE A 208 18.06 -9.65 -2.50
CA ILE A 208 16.68 -9.68 -3.00
C ILE A 208 16.28 -8.33 -3.58
N PHE A 209 16.61 -7.27 -2.87
CA PHE A 209 16.30 -5.92 -3.25
C PHE A 209 16.87 -5.59 -4.62
N LYS A 210 18.14 -5.90 -4.84
CA LYS A 210 18.78 -5.58 -6.13
C LYS A 210 18.05 -6.26 -7.29
N SER A 211 17.63 -7.49 -7.06
CA SER A 211 16.91 -8.25 -8.11
C SER A 211 15.53 -7.63 -8.36
N LEU A 212 14.89 -7.05 -7.35
CA LEU A 212 13.62 -6.36 -7.51
C LEU A 212 13.81 -5.15 -8.40
N GLU A 213 14.88 -4.37 -8.25
CA GLU A 213 15.15 -3.19 -9.07
C GLU A 213 15.34 -3.54 -10.55
N LYS A 214 15.84 -4.73 -10.80
CA LYS A 214 16.05 -5.28 -12.14
C LYS A 214 14.67 -5.70 -12.69
N ASP A 215 13.84 -6.31 -11.87
CA ASP A 215 12.47 -6.74 -12.26
C ASP A 215 11.54 -5.55 -12.53
N TYR A 216 11.67 -4.48 -11.78
CA TYR A 216 10.87 -3.26 -11.92
C TYR A 216 11.79 -2.19 -12.44
N HIS A 217 12.26 -1.36 -11.53
CA HIS A 217 13.18 -0.27 -11.93
C HIS A 217 13.92 0.28 -10.71
N PRO A 218 15.19 0.63 -10.84
CA PRO A 218 15.98 1.19 -9.72
C PRO A 218 15.27 2.43 -9.24
N HIS A 219 15.35 2.58 -7.93
CA HIS A 219 14.84 3.66 -7.12
C HIS A 219 13.33 3.75 -7.06
N LYS A 220 12.59 2.80 -7.58
CA LYS A 220 11.10 2.87 -7.53
C LYS A 220 10.62 1.80 -6.61
N VAL A 221 11.51 0.93 -6.10
CA VAL A 221 11.02 -0.16 -5.20
C VAL A 221 11.16 0.24 -3.73
N LEU A 222 10.10 0.13 -2.96
CA LEU A 222 10.14 0.40 -1.51
C LEU A 222 9.95 -0.93 -0.81
N PRO A 223 10.90 -1.35 0.01
CA PRO A 223 10.79 -2.57 0.81
C PRO A 223 9.72 -2.40 1.92
N GLY A 224 8.98 -3.45 2.20
CA GLY A 224 7.96 -3.39 3.25
C GLY A 224 8.11 -4.48 4.32
N PHE A 225 7.53 -4.27 5.45
CA PHE A 225 7.55 -5.18 6.60
C PHE A 225 6.13 -5.30 7.15
N SER A 226 5.76 -6.43 7.71
CA SER A 226 4.45 -6.61 8.31
C SER A 226 4.53 -6.87 9.82
N THR A 227 3.79 -6.14 10.63
CA THR A 227 3.69 -6.31 12.07
C THR A 227 2.41 -7.06 12.41
N ASP A 228 1.69 -7.56 11.43
CA ASP A 228 0.43 -8.31 11.61
C ASP A 228 0.78 -9.68 12.20
N PRO A 229 0.18 -10.09 13.29
CA PRO A 229 0.43 -11.42 13.89
C PRO A 229 0.27 -12.56 12.91
N LEU A 230 -0.60 -12.55 11.92
CA LEU A 230 -0.77 -13.61 10.93
C LEU A 230 0.56 -13.72 10.17
N ASP A 231 1.14 -12.60 9.85
CA ASP A 231 2.43 -12.59 9.15
C ASP A 231 3.56 -12.91 10.13
N THR A 232 3.48 -12.43 11.37
CA THR A 232 4.59 -12.73 12.32
C THR A 232 4.80 -14.23 12.46
N LYS A 233 3.73 -14.99 12.53
CA LYS A 233 3.64 -16.45 12.68
C LYS A 233 4.29 -17.19 11.53
N HIS A 234 4.23 -16.67 10.32
CA HIS A 234 4.85 -17.23 9.12
C HIS A 234 6.37 -17.11 9.25
N ASN A 235 6.88 -16.11 9.97
CA ASN A 235 8.32 -15.93 10.23
C ASN A 235 9.26 -15.98 9.04
N LYS A 236 8.91 -15.25 7.97
CA LYS A 236 9.71 -15.20 6.74
C LYS A 236 10.80 -14.18 6.88
N ILE A 237 10.63 -13.24 7.78
CA ILE A 237 11.67 -12.21 8.04
C ILE A 237 11.40 -11.63 9.43
N THR A 238 12.45 -11.43 10.19
CA THR A 238 12.35 -10.85 11.55
C THR A 238 12.58 -9.34 11.49
N ARG A 239 12.15 -8.61 12.48
CA ARG A 239 12.36 -7.15 12.43
C ARG A 239 13.87 -6.89 12.48
N ASP A 240 14.64 -7.74 13.14
CA ASP A 240 16.09 -7.52 13.20
C ASP A 240 16.71 -7.58 11.81
N ILE A 241 16.33 -8.55 11.01
CA ILE A 241 16.89 -8.63 9.64
C ILE A 241 16.40 -7.46 8.77
N PHE A 242 15.14 -7.06 8.92
CA PHE A 242 14.53 -5.96 8.16
C PHE A 242 15.31 -4.68 8.46
N ILE A 243 15.52 -4.41 9.73
CA ILE A 243 16.31 -3.21 10.12
C ILE A 243 17.73 -3.32 9.60
N GLY A 244 18.40 -4.41 9.77
CA GLY A 244 19.76 -4.71 9.30
C GLY A 244 19.94 -4.50 7.80
N GLY A 245 19.02 -5.11 7.05
CA GLY A 245 18.99 -5.05 5.57
C GLY A 245 18.78 -3.59 5.13
N CYS A 246 17.85 -2.87 5.71
CA CYS A 246 17.59 -1.44 5.38
C CYS A 246 18.81 -0.57 5.72
N THR A 247 19.54 -0.93 6.76
CA THR A 247 20.75 -0.19 7.20
C THR A 247 21.80 -0.21 6.09
N ARG A 248 22.02 -1.38 5.54
CA ARG A 248 22.95 -1.66 4.45
C ARG A 248 22.62 -0.80 3.23
N LEU A 249 21.31 -0.70 2.93
CA LEU A 249 20.83 0.10 1.80
C LEU A 249 21.03 1.59 1.99
N VAL A 250 20.78 2.02 3.21
CA VAL A 250 20.93 3.43 3.59
C VAL A 250 22.43 3.84 3.49
N GLN A 251 23.31 2.90 3.82
CA GLN A 251 24.77 3.15 3.79
C GLN A 251 25.29 3.39 2.39
N THR A 252 24.63 2.90 1.36
CA THR A 252 25.06 3.14 -0.03
C THR A 252 24.07 4.07 -0.71
N PHE A 253 23.28 4.77 0.08
CA PHE A 253 22.31 5.74 -0.42
C PHE A 253 21.40 5.10 -1.49
N SER A 254 20.92 3.89 -1.22
CA SER A 254 20.09 3.16 -2.16
C SER A 254 18.65 2.91 -1.67
N LEU A 255 18.25 3.43 -0.55
CA LEU A 255 16.85 3.16 -0.08
C LEU A 255 16.01 4.42 -0.27
N PRO A 256 15.06 4.40 -1.20
CA PRO A 256 14.22 5.57 -1.44
C PRO A 256 13.14 5.81 -0.38
N GLY A 257 12.86 4.81 0.42
CA GLY A 257 11.83 4.88 1.47
C GLY A 257 11.42 3.46 1.83
N VAL A 258 10.34 3.30 2.60
CA VAL A 258 9.81 2.04 3.09
C VAL A 258 8.30 2.13 3.33
N PHE A 259 7.66 1.00 3.53
CA PHE A 259 6.22 1.00 3.85
C PHE A 259 5.97 -0.08 4.91
N PHE A 260 4.91 0.11 5.68
CA PHE A 260 4.55 -0.84 6.72
C PHE A 260 3.07 -1.30 6.61
N TRP A 261 2.95 -2.58 6.89
CA TRP A 261 1.70 -3.25 6.95
C TRP A 261 1.40 -3.51 8.43
N ASN A 262 0.74 -3.05 9.50
CA ASN A 262 -0.25 -2.02 9.49
C ASN A 262 -0.35 -1.20 10.77
N ALA A 263 -0.91 0.01 10.65
CA ALA A 263 -0.99 0.84 11.85
C ALA A 263 -1.73 0.15 12.97
N ASN A 264 -2.81 -0.55 12.74
CA ASN A 264 -3.54 -1.24 13.83
C ASN A 264 -2.70 -2.25 14.59
N ASP A 265 -1.89 -3.00 13.88
CA ASP A 265 -1.05 -4.07 14.45
C ASP A 265 0.26 -3.55 15.08
N SER A 266 0.71 -2.39 14.70
CA SER A 266 1.98 -1.88 15.27
C SER A 266 1.80 -1.14 16.58
N VAL A 267 0.57 -0.79 16.94
CA VAL A 267 0.29 -0.01 18.18
C VAL A 267 0.49 -0.86 19.43
N ILE A 268 0.32 -2.16 19.30
CA ILE A 268 0.45 -3.15 20.32
C ILE A 268 1.81 -3.89 20.31
N PRO A 269 2.59 -3.56 21.36
CA PRO A 269 3.91 -4.19 21.53
C PRO A 269 3.86 -5.70 21.67
N LYS A 270 4.76 -6.38 20.99
CA LYS A 270 4.91 -7.82 20.91
C LYS A 270 5.87 -8.42 21.96
N ARG A 271 6.84 -7.64 22.38
CA ARG A 271 7.82 -8.08 23.38
C ARG A 271 7.64 -7.05 24.51
N ASP A 272 7.62 -7.54 25.73
CA ASP A 272 7.45 -6.55 26.84
C ASP A 272 8.61 -5.55 26.84
N GLY A 273 8.21 -4.30 26.96
CA GLY A 273 9.14 -3.18 26.96
C GLY A 273 9.19 -2.42 25.63
N ASP A 274 8.60 -3.03 24.61
CA ASP A 274 8.57 -2.43 23.27
C ASP A 274 7.57 -1.26 23.27
N LYS A 275 8.00 -0.14 22.71
CA LYS A 275 7.12 1.03 22.57
C LYS A 275 6.21 0.81 21.36
N PRO A 276 5.06 1.47 21.33
CA PRO A 276 4.14 1.35 20.16
C PRO A 276 4.86 1.84 18.92
N PHE A 277 4.71 1.27 17.73
CA PHE A 277 5.37 1.70 16.49
C PHE A 277 6.89 1.61 16.53
N ILE A 278 7.47 0.75 17.34
CA ILE A 278 8.93 0.60 17.45
C ILE A 278 9.58 0.41 16.08
N VAL A 279 9.10 -0.45 15.19
CA VAL A 279 9.76 -0.67 13.89
C VAL A 279 9.65 0.60 13.04
N GLU A 280 8.45 1.15 12.94
CA GLU A 280 8.33 2.41 12.16
C GLU A 280 9.27 3.54 12.59
N LEU A 281 9.34 3.85 13.89
CA LEU A 281 10.19 4.94 14.48
C LEU A 281 11.67 4.66 14.27
N THR A 282 12.10 3.42 14.35
CA THR A 282 13.47 2.99 14.08
C THR A 282 13.77 3.29 12.62
N LEU A 283 12.91 2.96 11.65
CA LEU A 283 13.14 3.24 10.23
C LEU A 283 13.16 4.75 9.96
N GLN A 284 12.37 5.53 10.69
CA GLN A 284 12.33 6.98 10.48
C GLN A 284 13.68 7.57 10.91
N GLN A 285 14.21 7.08 11.99
CA GLN A 285 15.51 7.52 12.55
C GLN A 285 16.58 7.22 11.51
N LEU A 286 16.64 6.03 10.95
CA LEU A 286 17.64 5.69 9.92
C LEU A 286 17.49 6.43 8.60
N LEU A 287 16.27 6.79 8.18
CA LEU A 287 16.00 7.51 6.95
C LEU A 287 16.43 8.98 7.06
N ALA A 288 16.36 9.58 8.24
CA ALA A 288 16.79 11.00 8.44
C ALA A 288 18.29 10.88 8.63
N ALA A 289 18.80 10.57 9.79
CA ALA A 289 20.23 10.41 10.12
C ALA A 289 21.05 9.89 8.94
#